data_7Y11
#
_entry.id   7Y11
#
_cell.length_a   99.976
_cell.length_b   114.252
_cell.length_c   112.760
_cell.angle_alpha   90.000
_cell.angle_beta   90.000
_cell.angle_gamma   90.000
#
_symmetry.space_group_name_H-M   'C 2 2 21'
#
loop_
_entity.id
_entity.type
_entity.pdbx_description
1 polymer 'Phosphatidylinositol/phosphatidylcholine transfer protein SFH5'
2 non-polymer '(2R)-1-(hexadecanoyloxy)-3-(phosphonooxy)propan-2-yl (9Z)-octadec-9-enoate'
3 non-polymer 'NICKEL (II) ION'
4 non-polymer 'CHLORIDE ION'
5 water water
#
_entity_poly.entity_id   1
_entity_poly.type   'polypeptide(L)'
_entity_poly.pdbx_seq_one_letter_code
;MSLTIEDIHDVEELRAVDEFRNLLVSENLLPPTLDDYHIMLRFLKARKFDIGKTKLMWSNMIKWRKDFGTDTIFEDFEFE
EFDEVLKYYPHGYHGVDKEGRPVYIERLGLVDPAKLMQVTTVERFIRYHVREFEKTVNIKLPACCIAAKRHIDSSTTILD
VQGVGFKNFSKPARDLIIQLQKIDNDNYPETLHRMFIINGGSGFKLVWATVKQFLDPKTVTKIHVIGNKYQNKLLEIIDA
SQLPDFLGGTCTCADRGGCMRSDKGPWNDPEILKMLQSGGPLCRHNSALNSLEHHHHHH
;
_entity_poly.pdbx_strand_id   A,B
#
loop_
_chem_comp.id
_chem_comp.type
_chem_comp.name
_chem_comp.formula
CL non-polymer 'CHLORIDE ION' 'Cl -1'
D21 non-polymer '(2R)-1-(hexadecanoyloxy)-3-(phosphonooxy)propan-2-yl (9Z)-octadec-9-enoate' 'C37 H71 O8 P'
NI non-polymer 'NICKEL (II) ION' 'Ni 2'
#
# COMPACT_ATOMS: atom_id res chain seq x y z
N LEU A 3 -20.31 -4.64 -38.58
CA LEU A 3 -18.90 -4.10 -38.61
C LEU A 3 -17.97 -5.09 -37.92
N THR A 4 -16.88 -5.47 -38.60
CA THR A 4 -15.91 -6.48 -38.08
C THR A 4 -14.78 -5.76 -37.34
N ILE A 5 -14.64 -6.09 -36.06
CA ILE A 5 -13.64 -5.50 -35.13
C ILE A 5 -12.63 -6.60 -34.83
N GLU A 6 -11.35 -6.30 -34.97
CA GLU A 6 -10.24 -7.22 -34.63
C GLU A 6 -10.33 -7.55 -33.13
N ASP A 7 -10.60 -8.80 -32.79
CA ASP A 7 -10.81 -9.26 -31.38
C ASP A 7 -10.29 -10.69 -31.30
N ILE A 8 -8.97 -10.83 -31.16
CA ILE A 8 -8.35 -12.17 -31.10
C ILE A 8 -8.66 -12.75 -29.74
N HIS A 9 -9.30 -13.93 -29.72
CA HIS A 9 -9.49 -14.72 -28.49
C HIS A 9 -8.52 -15.88 -28.49
N ASP A 10 -7.85 -16.06 -27.39
CA ASP A 10 -6.98 -17.21 -27.13
C ASP A 10 -7.87 -18.37 -26.69
N VAL A 11 -7.63 -19.57 -27.22
CA VAL A 11 -8.42 -20.80 -26.86
C VAL A 11 -8.34 -21.05 -25.35
N GLU A 12 -7.17 -20.86 -24.75
CA GLU A 12 -6.91 -21.09 -23.30
C GLU A 12 -7.72 -20.07 -22.51
N GLU A 13 -7.82 -18.83 -22.99
CA GLU A 13 -8.64 -17.76 -22.33
C GLU A 13 -10.11 -18.06 -22.54
N LEU A 14 -10.52 -18.46 -23.75
CA LEU A 14 -11.95 -18.81 -24.01
C LEU A 14 -12.44 -19.87 -23.03
N ARG A 15 -11.65 -20.93 -22.79
CA ARG A 15 -11.97 -21.99 -21.80
C ARG A 15 -12.10 -21.40 -20.39
N ALA A 16 -11.12 -20.64 -19.95
CA ALA A 16 -11.04 -20.14 -18.56
C ALA A 16 -12.23 -19.24 -18.28
N VAL A 17 -12.57 -18.38 -19.22
CA VAL A 17 -13.64 -17.37 -19.01
C VAL A 17 -14.98 -18.11 -18.94
N ASP A 18 -15.23 -19.08 -19.84
CA ASP A 18 -16.50 -19.85 -19.79
C ASP A 18 -16.57 -20.66 -18.50
N GLU A 19 -15.46 -21.25 -18.04
CA GLU A 19 -15.42 -21.99 -16.75
C GLU A 19 -15.75 -21.03 -15.60
N PHE A 20 -15.28 -19.78 -15.67
CA PHE A 20 -15.57 -18.75 -14.65
C PHE A 20 -17.04 -18.36 -14.75
N ARG A 21 -17.53 -18.14 -15.96
CA ARG A 21 -18.92 -17.70 -16.18
C ARG A 21 -19.91 -18.76 -15.64
N ASN A 22 -19.64 -20.04 -15.89
CA ASN A 22 -20.50 -21.16 -15.42
C ASN A 22 -20.53 -21.17 -13.90
N LEU A 23 -19.40 -20.93 -13.24
CA LEU A 23 -19.31 -20.83 -11.76
C LEU A 23 -20.16 -19.66 -11.27
N LEU A 24 -20.11 -18.50 -11.95
CA LEU A 24 -20.90 -17.31 -11.53
C LEU A 24 -22.40 -17.59 -11.67
N VAL A 25 -22.82 -18.23 -12.77
CA VAL A 25 -24.25 -18.50 -13.08
C VAL A 25 -24.77 -19.48 -12.02
N SER A 26 -24.01 -20.52 -11.69
CA SER A 26 -24.40 -21.59 -10.76
C SER A 26 -24.59 -21.04 -9.34
N GLU A 27 -24.00 -19.88 -9.01
CA GLU A 27 -24.13 -19.26 -7.66
C GLU A 27 -24.87 -17.94 -7.74
N ASN A 28 -25.55 -17.66 -8.86
CA ASN A 28 -26.39 -16.45 -9.11
C ASN A 28 -25.58 -15.18 -8.87
N LEU A 29 -24.32 -15.14 -9.32
CA LEU A 29 -23.42 -13.98 -9.14
C LEU A 29 -23.23 -13.22 -10.45
N LEU A 30 -24.06 -13.47 -11.47
CA LEU A 30 -23.85 -12.83 -12.79
C LEU A 30 -25.07 -12.02 -13.18
N PRO A 31 -25.12 -10.71 -12.85
CA PRO A 31 -26.13 -9.80 -13.40
C PRO A 31 -25.96 -9.74 -14.91
N PRO A 32 -27.06 -9.67 -15.69
CA PRO A 32 -26.98 -9.59 -17.15
C PRO A 32 -26.17 -8.40 -17.66
N THR A 33 -26.17 -7.30 -16.91
CA THR A 33 -25.37 -6.09 -17.24
C THR A 33 -23.87 -6.44 -17.29
N LEU A 34 -23.40 -7.46 -16.56
CA LEU A 34 -21.94 -7.75 -16.49
C LEU A 34 -21.57 -9.05 -17.19
N ASP A 35 -22.53 -9.64 -17.90
CA ASP A 35 -22.35 -10.93 -18.62
C ASP A 35 -21.63 -10.62 -19.93
N ASP A 36 -20.34 -10.32 -19.85
CA ASP A 36 -19.52 -9.86 -21.00
C ASP A 36 -18.16 -10.54 -20.88
N TYR A 37 -17.76 -11.24 -21.94
CA TYR A 37 -16.48 -11.98 -22.03
C TYR A 37 -15.33 -11.11 -21.50
N HIS A 38 -15.28 -9.85 -21.92
CA HIS A 38 -14.14 -8.92 -21.72
C HIS A 38 -14.11 -8.39 -20.29
N ILE A 39 -15.26 -8.11 -19.68
CA ILE A 39 -15.32 -7.72 -18.26
C ILE A 39 -14.80 -8.91 -17.42
N MET A 40 -15.30 -10.12 -17.65
CA MET A 40 -14.89 -11.29 -16.86
C MET A 40 -13.39 -11.54 -17.09
N LEU A 41 -12.88 -11.36 -18.32
CA LEU A 41 -11.46 -11.61 -18.65
C LEU A 41 -10.60 -10.66 -17.80
N ARG A 42 -10.98 -9.37 -17.71
CA ARG A 42 -10.18 -8.39 -16.91
C ARG A 42 -10.06 -8.84 -15.44
N PHE A 43 -11.14 -9.31 -14.83
CA PHE A 43 -11.14 -9.81 -13.44
C PHE A 43 -10.24 -11.05 -13.33
N LEU A 44 -10.36 -12.00 -14.25
CA LEU A 44 -9.50 -13.20 -14.24
C LEU A 44 -8.03 -12.78 -14.36
N LYS A 45 -7.69 -11.85 -15.26
CA LYS A 45 -6.29 -11.39 -15.42
C LYS A 45 -5.79 -10.75 -14.12
N ALA A 46 -6.64 -10.02 -13.40
CA ALA A 46 -6.29 -9.32 -12.16
C ALA A 46 -5.88 -10.33 -11.06
N ARG A 47 -6.40 -11.55 -11.10
CA ARG A 47 -6.10 -12.60 -10.08
C ARG A 47 -5.40 -13.78 -10.73
N LYS A 48 -4.77 -13.58 -11.87
CA LYS A 48 -3.85 -14.54 -12.55
C LYS A 48 -4.60 -15.85 -12.84
N PHE A 49 -5.89 -15.76 -13.20
CA PHE A 49 -6.77 -16.87 -13.65
C PHE A 49 -7.01 -17.91 -12.53
N ASP A 50 -6.75 -17.54 -11.29
CA ASP A 50 -7.15 -18.31 -10.08
C ASP A 50 -8.66 -18.16 -9.92
N ILE A 51 -9.43 -19.21 -10.20
CA ILE A 51 -10.92 -19.11 -10.28
C ILE A 51 -11.50 -18.71 -8.90
N GLY A 52 -10.95 -19.21 -7.80
CA GLY A 52 -11.46 -18.96 -6.44
C GLY A 52 -11.24 -17.52 -5.99
N LYS A 53 -10.04 -16.98 -6.23
CA LYS A 53 -9.69 -15.58 -5.92
C LYS A 53 -10.45 -14.63 -6.84
N THR A 54 -10.69 -15.04 -8.08
CA THR A 54 -11.41 -14.17 -9.04
C THR A 54 -12.88 -14.14 -8.63
N LYS A 55 -13.44 -15.29 -8.23
CA LYS A 55 -14.85 -15.31 -7.77
C LYS A 55 -15.02 -14.38 -6.55
N LEU A 56 -14.10 -14.44 -5.59
CA LEU A 56 -14.16 -13.57 -4.39
C LEU A 56 -14.05 -12.10 -4.85
N MET A 57 -13.12 -11.80 -5.75
CA MET A 57 -12.97 -10.43 -6.28
C MET A 57 -14.26 -9.97 -6.96
N TRP A 58 -14.86 -10.85 -7.76
CA TRP A 58 -16.11 -10.60 -8.50
C TRP A 58 -17.27 -10.32 -7.53
N SER A 59 -17.47 -11.16 -6.53
CA SER A 59 -18.62 -11.02 -5.58
C SER A 59 -18.45 -9.78 -4.69
N ASN A 60 -17.23 -9.40 -4.35
CA ASN A 60 -16.89 -8.12 -3.67
C ASN A 60 -17.31 -6.94 -4.54
N MET A 61 -17.07 -7.04 -5.86
CA MET A 61 -17.39 -5.96 -6.80
C MET A 61 -18.90 -5.85 -6.95
N ILE A 62 -19.62 -6.98 -6.99
CA ILE A 62 -21.10 -7.00 -7.11
C ILE A 62 -21.67 -6.26 -5.89
N LYS A 63 -21.16 -6.60 -4.71
CA LYS A 63 -21.65 -6.02 -3.43
C LYS A 63 -21.31 -4.54 -3.44
N TRP A 64 -20.11 -4.19 -3.91
CA TRP A 64 -19.66 -2.78 -3.99
C TRP A 64 -20.59 -1.98 -4.89
N ARG A 65 -20.94 -2.51 -6.06
CA ARG A 65 -21.84 -1.78 -7.01
C ARG A 65 -23.20 -1.61 -6.31
N LYS A 66 -23.64 -2.61 -5.54
CA LYS A 66 -24.93 -2.53 -4.80
C LYS A 66 -24.83 -1.41 -3.75
N ASP A 67 -23.79 -1.45 -2.91
CA ASP A 67 -23.65 -0.57 -1.73
C ASP A 67 -23.35 0.86 -2.20
N PHE A 68 -22.52 1.01 -3.23
CA PHE A 68 -22.15 2.36 -3.71
C PHE A 68 -23.29 3.03 -4.47
N GLY A 69 -24.21 2.28 -5.04
CA GLY A 69 -25.22 2.80 -5.99
C GLY A 69 -24.65 3.01 -7.40
N THR A 70 -23.64 2.24 -7.80
CA THR A 70 -22.89 2.45 -9.09
C THR A 70 -23.80 2.28 -10.31
N ASP A 71 -24.76 1.36 -10.25
CA ASP A 71 -25.62 1.04 -11.42
C ASP A 71 -26.55 2.22 -11.74
N THR A 72 -26.79 3.15 -10.81
CA THR A 72 -27.78 4.24 -10.99
C THR A 72 -27.09 5.60 -10.88
N ILE A 73 -25.77 5.63 -10.93
CA ILE A 73 -24.99 6.84 -10.59
C ILE A 73 -25.22 7.95 -11.64
N PHE A 74 -25.49 7.61 -12.91
CA PHE A 74 -25.64 8.62 -14.00
C PHE A 74 -26.83 9.53 -13.70
N GLU A 75 -27.95 8.90 -13.32
CA GLU A 75 -29.22 9.58 -13.00
C GLU A 75 -29.21 10.06 -11.55
N ASP A 76 -28.49 9.42 -10.61
CA ASP A 76 -28.63 9.80 -9.17
C ASP A 76 -27.69 10.95 -8.81
N PHE A 77 -26.49 10.99 -9.38
CA PHE A 77 -25.42 11.88 -8.88
C PHE A 77 -25.31 13.08 -9.80
N GLU A 78 -25.72 14.21 -9.25
CA GLU A 78 -25.61 15.53 -9.87
C GLU A 78 -24.47 16.24 -9.17
N PHE A 79 -23.35 16.35 -9.88
CA PHE A 79 -22.08 16.89 -9.33
C PHE A 79 -22.00 18.34 -9.76
N GLU A 80 -22.80 19.19 -9.10
CA GLU A 80 -23.05 20.60 -9.47
C GLU A 80 -21.78 21.44 -9.35
N GLU A 81 -20.79 21.04 -8.56
CA GLU A 81 -19.54 21.82 -8.37
C GLU A 81 -18.50 21.49 -9.46
N PHE A 82 -18.86 20.76 -10.51
CA PHE A 82 -17.91 20.17 -11.49
C PHE A 82 -16.97 21.25 -12.04
N ASP A 83 -17.56 22.36 -12.52
CA ASP A 83 -16.83 23.47 -13.17
C ASP A 83 -15.85 24.10 -12.17
N GLU A 84 -16.24 24.22 -10.90
CA GLU A 84 -15.33 24.77 -9.87
C GLU A 84 -14.20 23.77 -9.57
N VAL A 85 -14.55 22.49 -9.44
CA VAL A 85 -13.53 21.41 -9.16
C VAL A 85 -12.50 21.41 -10.29
N LEU A 86 -12.95 21.51 -11.53
CA LEU A 86 -12.09 21.38 -12.72
C LEU A 86 -11.11 22.56 -12.76
N LYS A 87 -11.52 23.71 -12.24
CA LYS A 87 -10.65 24.92 -12.11
C LYS A 87 -9.49 24.62 -11.17
N TYR A 88 -9.70 23.84 -10.11
CA TYR A 88 -8.67 23.59 -9.07
C TYR A 88 -8.04 22.20 -9.21
N TYR A 89 -8.51 21.39 -10.17
CA TYR A 89 -7.93 20.05 -10.51
C TYR A 89 -8.11 19.85 -12.02
N PRO A 90 -7.17 20.26 -12.89
CA PRO A 90 -7.36 20.13 -14.33
C PRO A 90 -7.06 18.70 -14.81
N HIS A 91 -8.09 18.04 -15.33
CA HIS A 91 -8.00 16.64 -15.82
C HIS A 91 -9.06 16.42 -16.90
N GLY A 92 -8.80 15.47 -17.77
CA GLY A 92 -9.71 15.11 -18.85
C GLY A 92 -9.10 14.09 -19.77
N TYR A 93 -9.96 13.42 -20.49
CA TYR A 93 -9.60 12.61 -21.67
C TYR A 93 -9.37 13.58 -22.83
N HIS A 94 -8.38 13.26 -23.66
CA HIS A 94 -8.04 14.06 -24.87
C HIS A 94 -7.41 13.19 -25.95
N GLY A 95 -8.24 12.73 -26.88
CA GLY A 95 -7.80 12.01 -28.07
C GLY A 95 -7.37 10.58 -27.77
N VAL A 96 -6.65 9.99 -28.72
CA VAL A 96 -6.27 8.55 -28.69
C VAL A 96 -4.77 8.43 -28.98
N ASP A 97 -4.16 7.36 -28.49
CA ASP A 97 -2.75 7.06 -28.77
C ASP A 97 -2.72 6.38 -30.15
N LYS A 98 -1.54 6.01 -30.63
CA LYS A 98 -1.37 5.45 -31.99
C LYS A 98 -1.98 4.05 -32.07
N GLU A 99 -2.30 3.40 -30.94
CA GLU A 99 -2.94 2.07 -30.90
C GLU A 99 -4.45 2.24 -30.70
N GLY A 100 -4.97 3.46 -30.62
CA GLY A 100 -6.42 3.74 -30.51
C GLY A 100 -6.96 3.81 -29.09
N ARG A 101 -6.12 3.70 -28.06
CA ARG A 101 -6.57 3.83 -26.65
C ARG A 101 -6.81 5.30 -26.32
N PRO A 102 -7.78 5.60 -25.45
CA PRO A 102 -8.01 6.97 -25.00
C PRO A 102 -6.85 7.46 -24.15
N VAL A 103 -6.52 8.74 -24.29
CA VAL A 103 -5.43 9.40 -23.55
C VAL A 103 -6.11 10.18 -22.43
N TYR A 104 -5.72 9.91 -21.21
CA TYR A 104 -6.24 10.60 -20.01
C TYR A 104 -5.11 11.42 -19.43
N ILE A 105 -5.37 12.70 -19.15
CA ILE A 105 -4.33 13.65 -18.65
C ILE A 105 -4.78 14.23 -17.31
N GLU A 106 -3.81 14.42 -16.41
CA GLU A 106 -4.05 15.19 -15.16
C GLU A 106 -2.92 16.18 -15.02
N ARG A 107 -3.25 17.44 -14.73
CA ARG A 107 -2.22 18.47 -14.54
C ARG A 107 -2.06 18.65 -13.03
N LEU A 108 -1.33 17.72 -12.41
CA LEU A 108 -1.26 17.65 -10.94
C LEU A 108 -0.46 18.82 -10.38
N GLY A 109 0.44 19.38 -11.18
CA GLY A 109 1.17 20.62 -10.87
C GLY A 109 0.25 21.82 -10.68
N LEU A 110 -0.98 21.78 -11.19
CA LEU A 110 -1.93 22.92 -11.14
C LEU A 110 -3.05 22.59 -10.15
N VAL A 111 -2.91 21.54 -9.35
CA VAL A 111 -3.97 21.18 -8.37
C VAL A 111 -3.85 22.17 -7.20
N ASP A 112 -4.95 22.82 -6.82
CA ASP A 112 -4.99 23.68 -5.60
C ASP A 112 -5.77 22.94 -4.53
N PRO A 113 -5.11 22.22 -3.60
CA PRO A 113 -5.84 21.33 -2.69
C PRO A 113 -6.74 22.08 -1.71
N ALA A 114 -6.32 23.24 -1.24
CA ALA A 114 -7.10 24.10 -0.31
C ALA A 114 -8.39 24.58 -0.98
N LYS A 115 -8.31 25.10 -2.21
CA LYS A 115 -9.49 25.64 -2.95
C LYS A 115 -10.40 24.49 -3.34
N LEU A 116 -9.82 23.33 -3.66
CA LEU A 116 -10.58 22.11 -4.05
C LEU A 116 -11.47 21.67 -2.88
N MET A 117 -10.96 21.72 -1.65
CA MET A 117 -11.76 21.30 -0.46
C MET A 117 -12.78 22.38 -0.09
N GLN A 118 -12.65 23.61 -0.60
CA GLN A 118 -13.70 24.64 -0.42
C GLN A 118 -14.92 24.32 -1.29
N VAL A 119 -14.74 23.67 -2.44
CA VAL A 119 -15.81 23.57 -3.46
C VAL A 119 -16.38 22.16 -3.53
N THR A 120 -15.69 21.13 -3.00
CA THR A 120 -16.26 19.76 -2.95
C THR A 120 -15.80 19.06 -1.66
N THR A 121 -16.19 17.81 -1.48
CA THR A 121 -15.64 16.91 -0.43
C THR A 121 -14.91 15.75 -1.10
N VAL A 122 -14.09 15.05 -0.33
CA VAL A 122 -13.40 13.80 -0.78
C VAL A 122 -14.46 12.77 -1.19
N GLU A 123 -15.53 12.58 -0.42
CA GLU A 123 -16.56 11.58 -0.75
C GLU A 123 -17.25 11.94 -2.08
N ARG A 124 -17.49 13.23 -2.33
CA ARG A 124 -18.23 13.67 -3.54
C ARG A 124 -17.29 13.53 -4.75
N PHE A 125 -16.02 13.89 -4.58
CA PHE A 125 -14.98 13.75 -5.64
C PHE A 125 -14.85 12.27 -6.04
N ILE A 126 -14.91 11.36 -5.08
CA ILE A 126 -14.73 9.91 -5.34
C ILE A 126 -15.96 9.41 -6.11
N ARG A 127 -17.16 9.83 -5.71
CA ARG A 127 -18.40 9.44 -6.40
C ARG A 127 -18.39 10.00 -7.84
N TYR A 128 -17.86 11.20 -8.06
CA TYR A 128 -17.67 11.79 -9.42
C TYR A 128 -16.68 10.94 -10.21
N HIS A 129 -15.59 10.50 -9.58
CA HIS A 129 -14.57 9.59 -10.20
C HIS A 129 -15.26 8.32 -10.71
N VAL A 130 -16.16 7.72 -9.92
CA VAL A 130 -16.87 6.46 -10.27
C VAL A 130 -17.84 6.71 -11.44
N ARG A 131 -18.54 7.83 -11.44
CA ARG A 131 -19.48 8.18 -12.52
C ARG A 131 -18.69 8.35 -13.82
N GLU A 132 -17.56 9.05 -13.80
CA GLU A 132 -16.67 9.20 -14.97
C GLU A 132 -16.12 7.84 -15.41
N PHE A 133 -15.73 6.97 -14.48
CA PHE A 133 -15.25 5.61 -14.83
C PHE A 133 -16.34 4.83 -15.55
N GLU A 134 -17.58 4.92 -15.07
CA GLU A 134 -18.74 4.29 -15.73
C GLU A 134 -18.87 4.82 -17.17
N LYS A 135 -18.65 6.10 -17.40
CA LYS A 135 -18.73 6.68 -18.76
C LYS A 135 -17.56 6.14 -19.59
N THR A 136 -16.38 6.00 -18.99
CA THR A 136 -15.17 5.50 -19.68
C THR A 136 -15.39 4.07 -20.19
N VAL A 137 -15.93 3.19 -19.37
CA VAL A 137 -16.06 1.76 -19.76
C VAL A 137 -17.30 1.51 -20.59
N ASN A 138 -18.35 2.34 -20.49
CA ASN A 138 -19.58 2.08 -21.25
C ASN A 138 -19.64 2.90 -22.53
N ILE A 139 -18.98 4.05 -22.60
CA ILE A 139 -19.04 4.95 -23.79
C ILE A 139 -17.68 5.08 -24.41
N LYS A 140 -16.68 5.57 -23.66
CA LYS A 140 -15.43 6.03 -24.27
C LYS A 140 -14.61 4.88 -24.82
N LEU A 141 -14.48 3.77 -24.06
CA LEU A 141 -13.68 2.64 -24.57
C LEU A 141 -14.43 1.98 -25.73
N PRO A 142 -15.74 1.65 -25.67
CA PRO A 142 -16.41 1.12 -26.87
C PRO A 142 -16.34 2.04 -28.12
N ALA A 143 -16.38 3.37 -27.96
CA ALA A 143 -16.20 4.30 -29.07
C ALA A 143 -14.82 4.08 -29.71
N CYS A 144 -13.78 3.84 -28.91
CA CYS A 144 -12.39 3.63 -29.36
C CYS A 144 -12.30 2.30 -30.11
N CYS A 145 -13.12 1.31 -29.74
CA CYS A 145 -13.23 -0.01 -30.39
C CYS A 145 -13.71 0.21 -31.84
N ILE A 146 -14.70 1.05 -32.00
CA ILE A 146 -15.29 1.34 -33.31
C ILE A 146 -14.26 2.10 -34.15
N ALA A 147 -13.65 3.15 -33.61
CA ALA A 147 -12.79 4.08 -34.35
C ALA A 147 -11.58 3.32 -34.89
N ALA A 148 -11.09 2.36 -34.11
CA ALA A 148 -9.85 1.62 -34.45
C ALA A 148 -10.15 0.26 -35.10
N LYS A 149 -11.42 -0.16 -35.15
CA LYS A 149 -11.87 -1.50 -35.59
C LYS A 149 -11.03 -2.57 -34.87
N ARG A 150 -10.91 -2.43 -33.55
CA ARG A 150 -10.02 -3.26 -32.71
C ARG A 150 -10.52 -3.19 -31.28
N HIS A 151 -10.53 -4.32 -30.58
CA HIS A 151 -11.02 -4.36 -29.18
C HIS A 151 -10.05 -3.54 -28.33
N ILE A 152 -10.58 -2.52 -27.63
CA ILE A 152 -9.81 -1.61 -26.74
C ILE A 152 -10.53 -1.64 -25.39
N ASP A 153 -9.81 -1.83 -24.26
CA ASP A 153 -10.51 -1.67 -22.95
C ASP A 153 -9.55 -1.10 -21.89
N SER A 154 -8.53 -0.36 -22.29
CA SER A 154 -7.56 0.25 -21.35
C SER A 154 -7.05 1.55 -21.96
N SER A 155 -6.51 2.41 -21.11
CA SER A 155 -6.15 3.81 -21.42
C SER A 155 -4.66 4.01 -21.25
N THR A 156 -4.17 5.06 -21.90
CA THR A 156 -2.84 5.65 -21.67
C THR A 156 -3.06 6.90 -20.82
N THR A 157 -2.40 6.99 -19.66
CA THR A 157 -2.52 8.14 -18.74
C THR A 157 -1.25 8.94 -18.80
N ILE A 158 -1.41 10.26 -18.88
CA ILE A 158 -0.28 11.21 -18.64
C ILE A 158 -0.55 11.95 -17.34
N LEU A 159 0.36 11.88 -16.37
CA LEU A 159 0.24 12.74 -15.16
C LEU A 159 1.32 13.81 -15.26
N ASP A 160 0.94 15.07 -15.31
CA ASP A 160 1.93 16.18 -15.37
C ASP A 160 2.21 16.60 -13.94
N VAL A 161 3.43 16.41 -13.45
CA VAL A 161 3.72 16.70 -12.02
C VAL A 161 4.69 17.87 -11.89
N GLN A 162 4.67 18.82 -12.83
CA GLN A 162 5.51 20.05 -12.78
C GLN A 162 5.39 20.72 -11.40
N GLY A 163 6.52 21.00 -10.75
CA GLY A 163 6.50 21.74 -9.47
C GLY A 163 6.06 20.88 -8.28
N VAL A 164 5.74 19.59 -8.48
CA VAL A 164 5.27 18.75 -7.33
C VAL A 164 6.52 18.20 -6.64
N GLY A 165 6.63 18.46 -5.34
CA GLY A 165 7.79 18.04 -4.52
C GLY A 165 7.32 17.37 -3.25
N PHE A 166 8.22 16.65 -2.60
CA PHE A 166 7.90 15.82 -1.41
C PHE A 166 7.53 16.72 -0.23
N LYS A 167 8.10 17.92 -0.16
CA LYS A 167 7.86 18.88 0.95
C LYS A 167 6.41 19.34 0.95
N ASN A 168 5.72 19.39 -0.18
CA ASN A 168 4.29 19.78 -0.27
C ASN A 168 3.41 18.58 -0.66
N PHE A 169 3.87 17.37 -0.43
CA PHE A 169 3.05 16.17 -0.68
C PHE A 169 2.39 15.78 0.65
N SER A 170 1.12 16.11 0.78
CA SER A 170 0.40 16.01 2.07
C SER A 170 -0.18 14.62 2.24
N LYS A 171 -0.49 14.28 3.48
CA LYS A 171 -1.15 13.02 3.84
C LYS A 171 -2.56 12.97 3.25
N PRO A 172 -3.40 14.03 3.21
CA PRO A 172 -4.68 13.88 2.50
C PRO A 172 -4.53 13.61 0.98
N ALA A 173 -3.50 14.18 0.33
CA ALA A 173 -3.20 13.92 -1.11
C ALA A 173 -2.90 12.43 -1.27
N ARG A 174 -2.04 11.89 -0.40
CA ARG A 174 -1.67 10.45 -0.42
C ARG A 174 -2.93 9.60 -0.23
N ASP A 175 -3.77 9.93 0.74
CA ASP A 175 -4.95 9.10 1.11
C ASP A 175 -5.97 9.12 -0.05
N LEU A 176 -6.13 10.23 -0.73
CA LEU A 176 -7.03 10.27 -1.91
C LEU A 176 -6.52 9.28 -2.96
N ILE A 177 -5.24 9.36 -3.29
CA ILE A 177 -4.61 8.44 -4.30
C ILE A 177 -4.91 6.99 -3.90
N ILE A 178 -4.76 6.67 -2.62
CA ILE A 178 -4.99 5.31 -2.08
C ILE A 178 -6.45 4.90 -2.32
N GLN A 179 -7.36 5.80 -1.99
CA GLN A 179 -8.81 5.53 -2.06
C GLN A 179 -9.22 5.36 -3.51
N LEU A 180 -8.71 6.22 -4.39
CA LEU A 180 -9.05 6.15 -5.84
C LEU A 180 -8.49 4.84 -6.40
N GLN A 181 -7.25 4.52 -6.08
CA GLN A 181 -6.63 3.26 -6.57
C GLN A 181 -7.36 2.04 -6.02
N LYS A 182 -7.86 2.09 -4.78
CA LYS A 182 -8.56 0.91 -4.18
C LYS A 182 -9.84 0.65 -4.96
N ILE A 183 -10.58 1.71 -5.27
CA ILE A 183 -11.83 1.59 -6.05
C ILE A 183 -11.48 1.06 -7.44
N ASP A 184 -10.40 1.56 -8.04
CA ASP A 184 -10.04 1.20 -9.44
C ASP A 184 -9.57 -0.25 -9.50
N ASN A 185 -8.72 -0.67 -8.57
CA ASN A 185 -8.14 -2.04 -8.55
C ASN A 185 -9.23 -3.06 -8.20
N ASP A 186 -10.15 -2.73 -7.30
CA ASP A 186 -11.24 -3.64 -6.87
C ASP A 186 -12.28 -3.82 -7.98
N ASN A 187 -12.62 -2.75 -8.70
CA ASN A 187 -13.92 -2.71 -9.44
C ASN A 187 -13.75 -2.42 -10.94
N TYR A 188 -12.64 -1.82 -11.33
CA TYR A 188 -12.27 -1.54 -12.76
C TYR A 188 -10.91 -2.10 -13.10
N PRO A 189 -10.64 -3.41 -12.90
CA PRO A 189 -9.29 -3.91 -13.08
C PRO A 189 -8.87 -3.90 -14.55
N GLU A 190 -7.56 -3.76 -14.77
CA GLU A 190 -6.86 -3.95 -16.06
C GLU A 190 -7.34 -2.85 -17.02
N THR A 191 -7.72 -1.67 -16.52
CA THR A 191 -8.20 -0.54 -17.37
C THR A 191 -7.08 0.47 -17.59
N LEU A 192 -5.92 0.29 -16.95
CA LEU A 192 -4.73 1.12 -17.25
C LEU A 192 -3.76 0.35 -18.11
N HIS A 193 -3.49 0.82 -19.33
CA HIS A 193 -2.48 0.15 -20.19
C HIS A 193 -1.08 0.63 -19.78
N ARG A 194 -0.92 1.93 -19.61
CA ARG A 194 0.38 2.55 -19.29
C ARG A 194 0.15 3.96 -18.78
N MET A 195 1.14 4.43 -18.05
CA MET A 195 1.14 5.78 -17.47
C MET A 195 2.51 6.42 -17.66
N PHE A 196 2.51 7.67 -18.08
CA PHE A 196 3.72 8.50 -18.17
C PHE A 196 3.57 9.62 -17.16
N ILE A 197 4.46 9.63 -16.18
CA ILE A 197 4.51 10.75 -15.20
C ILE A 197 5.60 11.68 -15.70
N ILE A 198 5.24 12.92 -16.05
CA ILE A 198 6.18 13.86 -16.73
C ILE A 198 6.44 15.10 -15.86
N ASN A 199 7.54 15.80 -16.18
CA ASN A 199 8.02 17.02 -15.46
C ASN A 199 8.27 16.66 -14.00
N GLY A 200 8.82 15.49 -13.73
CA GLY A 200 9.22 15.15 -12.34
C GLY A 200 10.52 15.84 -12.00
N GLY A 201 10.54 16.69 -10.97
CA GLY A 201 11.78 17.31 -10.44
C GLY A 201 12.53 16.36 -9.51
N SER A 202 13.67 16.76 -8.99
CA SER A 202 14.42 16.03 -7.94
C SER A 202 13.55 15.99 -6.67
N GLY A 203 12.70 17.00 -6.47
CA GLY A 203 11.72 17.03 -5.38
C GLY A 203 10.72 15.88 -5.47
N PHE A 204 10.46 15.37 -6.68
CA PHE A 204 9.41 14.34 -6.90
C PHE A 204 9.91 12.94 -6.51
N LYS A 205 11.22 12.71 -6.38
CA LYS A 205 11.80 11.35 -6.20
C LYS A 205 11.24 10.69 -4.93
N LEU A 206 11.07 11.44 -3.85
CA LEU A 206 10.50 10.85 -2.61
C LEU A 206 8.98 10.77 -2.68
N VAL A 207 8.32 11.55 -3.54
CA VAL A 207 6.86 11.40 -3.76
C VAL A 207 6.64 10.05 -4.41
N TRP A 208 7.39 9.74 -5.47
CA TRP A 208 7.28 8.46 -6.19
C TRP A 208 7.69 7.28 -5.29
N ALA A 209 8.76 7.43 -4.53
CA ALA A 209 9.19 6.43 -3.50
C ALA A 209 8.02 6.09 -2.60
N THR A 210 7.33 7.09 -2.01
CA THR A 210 6.33 6.84 -0.95
C THR A 210 5.07 6.28 -1.61
N VAL A 211 4.70 6.75 -2.80
CA VAL A 211 3.45 6.32 -3.46
C VAL A 211 3.58 4.85 -3.90
N LYS A 212 4.75 4.44 -4.42
CA LYS A 212 5.02 3.06 -4.88
C LYS A 212 4.82 2.05 -3.75
N GLN A 213 5.04 2.43 -2.50
CA GLN A 213 4.78 1.58 -1.30
C GLN A 213 3.30 1.19 -1.22
N PHE A 214 2.38 2.01 -1.76
CA PHE A 214 0.92 1.76 -1.67
C PHE A 214 0.35 1.25 -2.99
N LEU A 215 1.11 1.25 -4.08
CA LEU A 215 0.53 0.91 -5.39
C LEU A 215 0.56 -0.60 -5.63
N ASP A 216 -0.42 -1.11 -6.36
CA ASP A 216 -0.36 -2.52 -6.85
C ASP A 216 0.92 -2.64 -7.67
N PRO A 217 1.82 -3.61 -7.38
CA PRO A 217 3.10 -3.71 -8.10
C PRO A 217 3.00 -3.91 -9.62
N LYS A 218 1.93 -4.53 -10.11
CA LYS A 218 1.62 -4.61 -11.57
C LYS A 218 1.38 -3.21 -12.13
N THR A 219 0.72 -2.32 -11.38
CA THR A 219 0.49 -0.92 -11.77
C THR A 219 1.84 -0.19 -11.83
N VAL A 220 2.71 -0.38 -10.83
CA VAL A 220 4.06 0.22 -10.83
C VAL A 220 4.81 -0.14 -12.13
N THR A 221 4.71 -1.39 -12.63
CA THR A 221 5.48 -1.85 -13.81
C THR A 221 4.98 -1.14 -15.09
N LYS A 222 3.75 -0.61 -15.08
CA LYS A 222 3.14 0.16 -16.22
C LYS A 222 3.44 1.66 -16.15
N ILE A 223 4.17 2.14 -15.13
CA ILE A 223 4.40 3.57 -14.91
C ILE A 223 5.84 3.96 -15.28
N HIS A 224 5.98 5.03 -16.06
CA HIS A 224 7.30 5.60 -16.46
C HIS A 224 7.36 7.02 -15.92
N VAL A 225 8.40 7.32 -15.14
CA VAL A 225 8.57 8.66 -14.54
C VAL A 225 9.63 9.36 -15.36
N ILE A 226 9.26 10.51 -15.96
CA ILE A 226 10.14 11.32 -16.86
C ILE A 226 10.36 12.71 -16.25
N GLY A 227 11.55 13.27 -16.44
CA GLY A 227 11.81 14.70 -16.14
C GLY A 227 11.17 15.64 -17.16
N ASN A 228 11.86 16.76 -17.41
CA ASN A 228 11.39 17.88 -18.28
C ASN A 228 11.45 17.51 -19.76
N LYS A 229 12.24 16.52 -20.17
CA LYS A 229 12.40 16.17 -21.61
C LYS A 229 11.47 15.00 -21.93
N TYR A 230 10.20 15.31 -22.18
CA TYR A 230 9.12 14.29 -22.24
C TYR A 230 8.46 14.29 -23.64
N GLN A 231 8.62 15.39 -24.41
CA GLN A 231 7.74 15.72 -25.54
C GLN A 231 7.92 14.68 -26.65
N ASN A 232 9.16 14.30 -26.92
CA ASN A 232 9.44 13.30 -27.97
C ASN A 232 8.98 11.93 -27.52
N LYS A 233 9.00 11.64 -26.21
CA LYS A 233 8.53 10.32 -25.72
C LYS A 233 7.03 10.23 -25.93
N LEU A 234 6.30 11.33 -25.71
CA LEU A 234 4.83 11.34 -25.91
C LEU A 234 4.52 11.30 -27.42
N LEU A 235 5.28 11.99 -28.24
CA LEU A 235 5.05 11.99 -29.71
C LEU A 235 5.37 10.62 -30.33
N GLU A 236 6.24 9.80 -29.71
CA GLU A 236 6.49 8.41 -30.17
C GLU A 236 5.20 7.59 -30.09
N ILE A 237 4.40 7.75 -29.03
CA ILE A 237 3.23 6.85 -28.77
C ILE A 237 1.91 7.55 -29.05
N ILE A 238 1.87 8.86 -29.19
CA ILE A 238 0.63 9.65 -29.47
C ILE A 238 0.90 10.58 -30.66
N ASP A 239 0.02 10.57 -31.67
CA ASP A 239 0.15 11.50 -32.83
C ASP A 239 0.04 12.96 -32.36
N ALA A 240 0.81 13.87 -32.98
CA ALA A 240 0.84 15.31 -32.61
C ALA A 240 -0.58 15.90 -32.62
N SER A 241 -1.44 15.49 -33.55
CA SER A 241 -2.84 15.97 -33.64
C SER A 241 -3.63 15.59 -32.38
N GLN A 242 -3.24 14.53 -31.67
CA GLN A 242 -3.98 14.01 -30.49
C GLN A 242 -3.41 14.55 -29.19
N LEU A 243 -2.28 15.27 -29.24
CA LEU A 243 -1.52 15.68 -28.07
C LEU A 243 -1.65 17.19 -27.96
N PRO A 244 -2.05 17.73 -26.79
CA PRO A 244 -2.13 19.17 -26.59
C PRO A 244 -0.77 19.84 -26.82
N ASP A 245 -0.79 21.09 -27.33
CA ASP A 245 0.45 21.85 -27.66
C ASP A 245 1.30 22.08 -26.42
N PHE A 246 0.70 22.26 -25.24
CA PHE A 246 1.47 22.45 -23.97
C PHE A 246 2.24 21.16 -23.63
N LEU A 247 1.86 19.98 -24.14
CA LEU A 247 2.64 18.72 -23.97
C LEU A 247 3.49 18.40 -25.22
N GLY A 248 3.56 19.30 -26.20
CA GLY A 248 4.44 19.18 -27.38
C GLY A 248 3.71 18.77 -28.65
N GLY A 249 2.38 18.77 -28.64
CA GLY A 249 1.62 18.42 -29.84
C GLY A 249 1.15 19.63 -30.62
N THR A 250 0.17 19.45 -31.50
CA THR A 250 -0.36 20.55 -32.33
C THR A 250 -1.74 20.98 -31.84
N CYS A 251 -2.38 20.22 -30.94
CA CYS A 251 -3.80 20.47 -30.62
C CYS A 251 -3.97 21.70 -29.71
N THR A 252 -4.90 22.58 -30.00
CA THR A 252 -5.24 23.71 -29.10
C THR A 252 -6.68 23.60 -28.58
N CYS A 253 -7.58 22.89 -29.28
CA CYS A 253 -9.05 22.88 -29.00
C CYS A 253 -9.57 24.31 -28.71
N ALA A 254 -9.13 25.32 -29.47
CA ALA A 254 -9.31 26.76 -29.13
C ALA A 254 -10.79 27.14 -29.14
N ASP A 255 -11.60 26.47 -29.98
CA ASP A 255 -13.04 26.76 -30.13
C ASP A 255 -13.82 26.19 -28.94
N ARG A 256 -13.19 25.31 -28.16
CA ARG A 256 -13.85 24.61 -27.03
C ARG A 256 -13.18 25.03 -25.70
N GLY A 257 -12.45 26.15 -25.70
CA GLY A 257 -11.76 26.73 -24.54
C GLY A 257 -10.60 25.86 -24.03
N GLY A 258 -9.99 25.03 -24.88
CA GLY A 258 -8.70 24.41 -24.54
C GLY A 258 -8.80 22.90 -24.35
N CYS A 259 -7.67 22.22 -24.53
CA CYS A 259 -7.57 20.75 -24.55
C CYS A 259 -8.02 20.11 -23.22
N MET A 260 -7.78 20.77 -22.08
CA MET A 260 -8.10 20.14 -20.76
C MET A 260 -9.61 20.17 -20.53
N ARG A 261 -10.40 20.84 -21.40
CA ARG A 261 -11.86 20.97 -21.19
C ARG A 261 -12.68 20.39 -22.36
N SER A 262 -12.05 20.04 -23.47
CA SER A 262 -12.79 19.67 -24.71
C SER A 262 -13.35 18.26 -24.66
N ASP A 263 -12.75 17.35 -23.87
CA ASP A 263 -13.11 15.90 -23.88
C ASP A 263 -12.98 15.34 -25.30
N LYS A 264 -12.00 15.81 -26.05
CA LYS A 264 -11.83 15.48 -27.50
C LYS A 264 -11.64 13.97 -27.59
N GLY A 265 -12.29 13.31 -28.55
CA GLY A 265 -12.08 11.88 -28.82
C GLY A 265 -13.26 11.32 -29.60
N PRO A 266 -13.17 10.04 -30.04
CA PRO A 266 -14.18 9.48 -30.94
C PRO A 266 -15.55 9.27 -30.28
N TRP A 267 -15.60 9.30 -28.94
CA TRP A 267 -16.87 9.24 -28.16
C TRP A 267 -17.64 10.57 -28.33
N ASN A 268 -17.06 11.61 -28.92
CA ASN A 268 -17.80 12.84 -29.27
C ASN A 268 -18.38 12.81 -30.68
N ASP A 269 -18.16 11.75 -31.44
CA ASP A 269 -18.62 11.71 -32.83
C ASP A 269 -20.00 11.05 -32.87
N PRO A 270 -21.02 11.73 -33.44
CA PRO A 270 -22.39 11.18 -33.41
C PRO A 270 -22.56 9.87 -34.18
N GLU A 271 -21.83 9.69 -35.28
CA GLU A 271 -21.89 8.44 -36.08
C GLU A 271 -21.32 7.25 -35.29
N ILE A 272 -20.24 7.46 -34.55
CA ILE A 272 -19.65 6.40 -33.71
C ILE A 272 -20.62 6.10 -32.56
N LEU A 273 -21.16 7.12 -31.89
CA LEU A 273 -22.14 6.91 -30.79
C LEU A 273 -23.42 6.19 -31.29
N LYS A 274 -23.88 6.47 -32.51
CA LYS A 274 -25.04 5.73 -33.07
C LYS A 274 -24.71 4.24 -33.19
N MET A 275 -23.48 3.92 -33.55
CA MET A 275 -23.02 2.51 -33.73
C MET A 275 -23.06 1.79 -32.38
N LEU A 276 -22.83 2.49 -31.27
CA LEU A 276 -22.93 1.89 -29.92
C LEU A 276 -24.39 1.60 -29.58
N GLN A 277 -25.32 2.51 -29.82
CA GLN A 277 -26.72 2.33 -29.39
C GLN A 277 -27.42 1.31 -30.28
N SER A 278 -27.28 1.45 -31.60
CA SER A 278 -27.89 0.57 -32.63
C SER A 278 -27.21 -0.79 -32.65
N GLY A 279 -25.87 -0.79 -32.59
CA GLY A 279 -25.02 -1.90 -33.03
C GLY A 279 -25.22 -3.15 -32.21
N GLY A 280 -25.11 -4.31 -32.88
CA GLY A 280 -25.01 -5.63 -32.24
C GLY A 280 -23.70 -5.72 -31.48
N PRO A 281 -23.49 -6.79 -30.68
CA PRO A 281 -22.34 -6.84 -29.77
C PRO A 281 -20.98 -6.66 -30.48
N LEU A 282 -20.08 -5.93 -29.83
CA LEU A 282 -18.70 -5.70 -30.31
C LEU A 282 -17.87 -6.99 -30.24
N CYS A 283 -18.28 -8.04 -29.47
CA CYS A 283 -17.54 -9.34 -29.29
C CYS A 283 -18.38 -10.53 -29.76
N ARG A 284 -17.82 -11.38 -30.64
CA ARG A 284 -18.47 -12.57 -31.25
C ARG A 284 -18.78 -13.64 -30.19
N HIS A 285 -17.94 -13.82 -29.15
CA HIS A 285 -18.14 -14.88 -28.10
C HIS A 285 -19.44 -14.60 -27.33
N ASN A 286 -19.68 -13.34 -26.97
CA ASN A 286 -20.94 -12.90 -26.29
C ASN A 286 -22.16 -13.25 -27.17
N SER A 287 -22.07 -12.95 -28.48
CA SER A 287 -23.16 -13.22 -29.46
C SER A 287 -23.47 -14.72 -29.53
N ALA A 288 -22.43 -15.58 -29.55
CA ALA A 288 -22.53 -17.06 -29.61
C ALA A 288 -23.10 -17.63 -28.29
N LEU A 289 -22.72 -17.07 -27.13
CA LEU A 289 -23.30 -17.46 -25.82
C LEU A 289 -24.80 -17.13 -25.81
N ASN A 290 -25.18 -15.95 -26.33
CA ASN A 290 -26.58 -15.44 -26.37
C ASN A 290 -27.44 -16.44 -27.17
N SER A 291 -26.93 -16.90 -28.33
CA SER A 291 -27.58 -17.93 -29.17
C SER A 291 -27.00 -19.30 -28.81
N LEU B 3 15.33 18.03 4.97
CA LEU B 3 13.92 17.52 4.98
C LEU B 3 13.34 17.66 6.38
N THR B 4 12.23 18.39 6.50
CA THR B 4 11.47 18.53 7.77
C THR B 4 10.64 17.27 8.01
N ILE B 5 10.86 16.60 9.14
CA ILE B 5 9.87 15.60 9.65
C ILE B 5 9.15 16.26 10.84
N GLU B 6 7.85 15.99 10.99
CA GLU B 6 7.04 16.52 12.12
C GLU B 6 7.56 15.88 13.41
N ASP B 7 8.34 16.63 14.19
CA ASP B 7 9.04 16.12 15.41
C ASP B 7 8.88 17.22 16.46
N ILE B 8 7.66 17.38 16.95
CA ILE B 8 7.31 18.44 17.95
C ILE B 8 7.48 17.82 19.35
N HIS B 9 8.42 18.39 20.12
CA HIS B 9 8.69 18.00 21.53
C HIS B 9 8.11 19.06 22.47
N ASP B 10 7.38 18.68 23.52
CA ASP B 10 6.98 19.66 24.58
C ASP B 10 8.25 20.01 25.35
N VAL B 11 8.29 21.21 25.92
CA VAL B 11 9.55 21.84 26.41
C VAL B 11 9.99 21.12 27.69
N GLU B 12 9.08 20.45 28.40
CA GLU B 12 9.44 19.82 29.70
C GLU B 12 10.06 18.45 29.43
N GLU B 13 9.71 17.74 28.35
CA GLU B 13 10.47 16.52 27.94
C GLU B 13 11.84 16.96 27.41
N LEU B 14 11.90 18.08 26.67
CA LEU B 14 13.16 18.67 26.10
C LEU B 14 14.20 18.86 27.21
N ARG B 15 13.80 19.42 28.35
CA ARG B 15 14.74 19.73 29.46
C ARG B 15 15.17 18.44 30.15
N ALA B 16 14.26 17.48 30.30
CA ALA B 16 14.49 16.22 31.06
C ALA B 16 15.57 15.40 30.35
N VAL B 17 15.60 15.40 29.02
CA VAL B 17 16.62 14.63 28.25
C VAL B 17 17.92 15.45 28.20
N ASP B 18 17.84 16.79 28.18
CA ASP B 18 19.05 17.66 28.23
C ASP B 18 19.71 17.50 29.59
N GLU B 19 18.91 17.41 30.65
CA GLU B 19 19.39 17.09 32.01
C GLU B 19 20.02 15.69 32.00
N PHE B 20 19.35 14.72 31.38
CA PHE B 20 19.83 13.32 31.38
C PHE B 20 21.14 13.21 30.58
N ARG B 21 21.21 13.86 29.43
CA ARG B 21 22.40 13.86 28.55
C ARG B 21 23.59 14.48 29.27
N ASN B 22 23.40 15.60 29.98
CA ASN B 22 24.46 16.33 30.73
C ASN B 22 25.00 15.45 31.88
N LEU B 23 24.16 14.67 32.55
CA LEU B 23 24.62 13.68 33.57
C LEU B 23 25.45 12.58 32.88
N LEU B 24 25.03 12.12 31.69
CA LEU B 24 25.79 11.08 30.93
C LEU B 24 27.10 11.69 30.44
N VAL B 25 27.09 12.98 30.09
CA VAL B 25 28.30 13.70 29.61
C VAL B 25 29.25 13.81 30.80
N SER B 26 28.73 14.20 31.97
CA SER B 26 29.54 14.50 33.19
C SER B 26 30.11 13.20 33.79
N GLU B 27 29.61 12.02 33.44
CA GLU B 27 30.16 10.76 33.98
C GLU B 27 30.74 9.87 32.87
N ASN B 28 30.78 10.38 31.64
CA ASN B 28 31.36 9.69 30.46
C ASN B 28 30.67 8.35 30.22
N LEU B 29 29.35 8.27 30.43
CA LEU B 29 28.51 7.08 30.15
C LEU B 29 27.83 7.23 28.78
N LEU B 30 28.25 8.19 27.95
CA LEU B 30 27.56 8.52 26.68
C LEU B 30 28.46 8.21 25.48
N PRO B 31 28.23 7.11 24.75
CA PRO B 31 28.83 6.92 23.43
C PRO B 31 28.16 7.86 22.43
N PRO B 32 28.93 8.42 21.46
CA PRO B 32 28.36 9.32 20.46
C PRO B 32 27.49 8.61 19.43
N THR B 33 27.61 7.29 19.36
CA THR B 33 26.74 6.41 18.54
C THR B 33 25.32 6.41 19.14
N LEU B 34 25.18 6.70 20.44
CA LEU B 34 23.85 6.73 21.12
C LEU B 34 23.46 8.17 21.49
N ASP B 35 24.20 9.19 21.02
CA ASP B 35 23.90 10.60 21.35
C ASP B 35 22.74 11.05 20.46
N ASP B 36 21.55 10.62 20.83
CA ASP B 36 20.31 10.93 20.10
C ASP B 36 19.26 11.31 21.15
N TYR B 37 18.46 12.33 20.86
CA TYR B 37 17.33 12.77 21.69
C TYR B 37 16.39 11.59 21.90
N HIS B 38 15.98 10.92 20.81
CA HIS B 38 14.86 9.94 20.83
C HIS B 38 15.26 8.64 21.52
N ILE B 39 16.52 8.21 21.41
CA ILE B 39 17.03 7.02 22.13
C ILE B 39 16.96 7.30 23.64
N MET B 40 17.50 8.43 24.10
CA MET B 40 17.50 8.78 25.55
C MET B 40 16.06 8.99 26.04
N LEU B 41 15.18 9.56 25.23
CA LEU B 41 13.76 9.77 25.62
C LEU B 41 13.07 8.42 25.87
N ARG B 42 13.40 7.40 25.10
CA ARG B 42 12.81 6.04 25.23
C ARG B 42 13.18 5.46 26.60
N PHE B 43 14.42 5.66 27.03
CA PHE B 43 14.93 5.09 28.30
C PHE B 43 14.28 5.87 29.44
N LEU B 44 14.16 7.18 29.29
CA LEU B 44 13.55 8.03 30.33
C LEU B 44 12.06 7.67 30.47
N LYS B 45 11.35 7.46 29.36
CA LYS B 45 9.93 6.99 29.41
C LYS B 45 9.85 5.63 30.10
N ALA B 46 10.83 4.75 29.89
CA ALA B 46 10.81 3.38 30.44
C ALA B 46 11.04 3.39 31.95
N ARG B 47 11.55 4.48 32.52
CA ARG B 47 11.69 4.62 33.99
C ARG B 47 10.90 5.82 34.52
N LYS B 48 9.86 6.25 33.80
CA LYS B 48 8.93 7.35 34.17
C LYS B 48 9.70 8.63 34.50
N PHE B 49 10.79 8.88 33.77
CA PHE B 49 11.68 10.08 33.82
C PHE B 49 12.38 10.20 35.18
N ASP B 50 12.48 9.10 35.92
CA ASP B 50 13.34 8.96 37.12
C ASP B 50 14.79 8.97 36.62
N ILE B 51 15.50 10.06 36.89
CA ILE B 51 16.84 10.34 36.31
C ILE B 51 17.82 9.28 36.80
N GLY B 52 17.77 8.92 38.09
CA GLY B 52 18.70 7.95 38.71
C GLY B 52 18.50 6.53 38.19
N LYS B 53 17.26 6.09 38.08
CA LYS B 53 16.92 4.72 37.60
C LYS B 53 17.17 4.61 36.07
N THR B 54 16.97 5.69 35.32
CA THR B 54 17.25 5.71 33.86
C THR B 54 18.75 5.54 33.65
N LYS B 55 19.58 6.24 34.42
CA LYS B 55 21.05 6.16 34.29
C LYS B 55 21.52 4.72 34.60
N LEU B 56 20.95 4.05 35.60
CA LEU B 56 21.28 2.63 35.90
C LEU B 56 20.83 1.76 34.73
N MET B 57 19.65 2.02 34.19
CA MET B 57 19.11 1.22 33.05
C MET B 57 20.02 1.46 31.84
N TRP B 58 20.44 2.70 31.63
CA TRP B 58 21.33 3.10 30.51
C TRP B 58 22.69 2.41 30.67
N SER B 59 23.30 2.45 31.86
CA SER B 59 24.66 1.89 32.07
C SER B 59 24.63 0.36 31.99
N ASN B 60 23.53 -0.27 32.38
CA ASN B 60 23.33 -1.73 32.17
C ASN B 60 23.28 -2.04 30.66
N MET B 61 22.60 -1.20 29.89
CA MET B 61 22.43 -1.39 28.43
C MET B 61 23.79 -1.25 27.73
N ILE B 62 24.63 -0.29 28.15
CA ILE B 62 26.01 -0.09 27.61
C ILE B 62 26.77 -1.41 27.80
N LYS B 63 26.76 -1.95 29.01
CA LYS B 63 27.49 -3.20 29.35
C LYS B 63 26.86 -4.41 28.64
N TRP B 64 25.54 -4.42 28.44
CA TRP B 64 24.92 -5.51 27.63
C TRP B 64 25.44 -5.48 26.19
N ARG B 65 25.50 -4.30 25.57
CA ARG B 65 25.92 -4.16 24.15
C ARG B 65 27.38 -4.58 24.02
N LYS B 66 28.21 -4.26 25.02
CA LYS B 66 29.63 -4.70 25.12
C LYS B 66 29.67 -6.23 25.25
N ASP B 67 28.96 -6.81 26.22
CA ASP B 67 29.04 -8.25 26.54
C ASP B 67 28.37 -9.08 25.45
N PHE B 68 27.28 -8.63 24.84
CA PHE B 68 26.57 -9.41 23.78
C PHE B 68 27.35 -9.33 22.47
N GLY B 69 28.13 -8.26 22.28
CA GLY B 69 28.79 -7.95 20.99
C GLY B 69 27.83 -7.28 20.01
N THR B 70 26.86 -6.52 20.52
CA THR B 70 25.77 -5.93 19.70
C THR B 70 26.35 -4.93 18.67
N ASP B 71 27.37 -4.14 19.03
CA ASP B 71 27.90 -3.05 18.16
C ASP B 71 28.54 -3.61 16.89
N THR B 72 28.92 -4.88 16.84
CA THR B 72 29.54 -5.52 15.65
C THR B 72 28.76 -6.76 15.19
N ILE B 73 27.48 -6.90 15.55
CA ILE B 73 26.67 -8.11 15.19
C ILE B 73 26.41 -8.17 13.67
N PHE B 74 26.48 -7.07 12.92
CA PHE B 74 26.32 -7.14 11.43
C PHE B 74 27.52 -7.86 10.82
N GLU B 75 28.74 -7.55 11.27
CA GLU B 75 30.03 -8.12 10.80
C GLU B 75 30.17 -9.57 11.29
N ASP B 76 29.76 -9.84 12.52
CA ASP B 76 30.14 -11.05 13.28
C ASP B 76 29.17 -12.20 13.05
N PHE B 77 27.88 -11.93 12.83
CA PHE B 77 26.85 -13.00 12.92
C PHE B 77 26.26 -13.26 11.55
N GLU B 78 26.39 -14.49 11.09
CA GLU B 78 25.74 -14.98 9.88
C GLU B 78 24.77 -16.05 10.31
N PHE B 79 23.51 -15.82 10.03
CA PHE B 79 22.42 -16.75 10.35
C PHE B 79 22.11 -17.55 9.10
N GLU B 80 22.97 -18.51 8.75
CA GLU B 80 22.82 -19.26 7.47
C GLU B 80 21.56 -20.14 7.47
N GLU B 81 20.96 -20.45 8.62
CA GLU B 81 19.79 -21.36 8.69
C GLU B 81 18.47 -20.56 8.56
N PHE B 82 18.56 -19.29 8.21
CA PHE B 82 17.44 -18.31 8.14
C PHE B 82 16.23 -18.91 7.43
N ASP B 83 16.42 -19.53 6.25
CA ASP B 83 15.31 -20.02 5.39
C ASP B 83 14.55 -21.16 6.09
N GLU B 84 15.25 -22.06 6.76
CA GLU B 84 14.64 -23.18 7.50
C GLU B 84 13.89 -22.64 8.73
N VAL B 85 14.47 -21.67 9.43
CA VAL B 85 13.84 -21.05 10.65
C VAL B 85 12.53 -20.39 10.22
N LEU B 86 12.56 -19.63 9.13
CA LEU B 86 11.37 -18.89 8.66
C LEU B 86 10.27 -19.86 8.24
N LYS B 87 10.63 -21.05 7.77
CA LYS B 87 9.67 -22.12 7.40
C LYS B 87 8.94 -22.62 8.65
N TYR B 88 9.63 -22.73 9.79
CA TYR B 88 9.00 -23.27 11.03
C TYR B 88 8.61 -22.14 11.98
N TYR B 89 8.90 -20.88 11.66
CA TYR B 89 8.52 -19.71 12.50
C TYR B 89 8.31 -18.53 11.56
N PRO B 90 7.13 -18.42 10.91
CA PRO B 90 6.91 -17.36 9.96
C PRO B 90 6.74 -16.05 10.74
N HIS B 91 7.65 -15.13 10.49
CA HIS B 91 7.61 -13.77 11.09
C HIS B 91 8.27 -12.75 10.15
N GLY B 92 7.85 -11.50 10.24
CA GLY B 92 8.47 -10.43 9.45
C GLY B 92 7.77 -9.10 9.53
N TYR B 93 8.49 -8.07 9.09
CA TYR B 93 7.93 -6.72 8.89
C TYR B 93 7.22 -6.72 7.54
N HIS B 94 6.10 -6.02 7.48
CA HIS B 94 5.33 -5.92 6.23
C HIS B 94 4.57 -4.59 6.20
N GLY B 95 5.14 -3.60 5.52
CA GLY B 95 4.44 -2.32 5.31
C GLY B 95 4.23 -1.54 6.59
N VAL B 96 3.32 -0.59 6.55
CA VAL B 96 3.17 0.44 7.59
C VAL B 96 1.69 0.59 7.91
N ASP B 97 1.40 1.03 9.11
CA ASP B 97 0.03 1.37 9.55
C ASP B 97 -0.28 2.79 9.02
N LYS B 98 -1.52 3.23 9.27
CA LYS B 98 -1.99 4.53 8.77
C LYS B 98 -1.28 5.71 9.42
N GLU B 99 -0.56 5.51 10.54
CA GLU B 99 0.23 6.59 11.18
C GLU B 99 1.70 6.49 10.74
N GLY B 100 2.06 5.54 9.86
CA GLY B 100 3.45 5.46 9.35
C GLY B 100 4.35 4.44 10.05
N ARG B 101 3.90 3.85 11.15
CA ARG B 101 4.72 2.88 11.93
C ARG B 101 4.83 1.57 11.15
N PRO B 102 5.99 0.90 11.15
CA PRO B 102 6.12 -0.43 10.56
C PRO B 102 5.21 -1.47 11.26
N VAL B 103 4.68 -2.42 10.49
CA VAL B 103 3.83 -3.52 10.98
C VAL B 103 4.68 -4.78 11.07
N TYR B 104 4.75 -5.36 12.27
CA TYR B 104 5.50 -6.62 12.53
C TYR B 104 4.49 -7.73 12.73
N ILE B 105 4.67 -8.82 12.00
CA ILE B 105 3.72 -9.97 12.02
C ILE B 105 4.46 -11.24 12.48
N GLU B 106 3.81 -12.05 13.32
CA GLU B 106 4.28 -13.41 13.67
C GLU B 106 3.08 -14.35 13.53
N ARG B 107 3.26 -15.43 12.78
CA ARG B 107 2.25 -16.48 12.63
C ARG B 107 2.60 -17.56 13.64
N LEU B 108 2.25 -17.32 14.90
CA LEU B 108 2.69 -18.21 16.02
C LEU B 108 1.91 -19.52 15.98
N GLY B 109 0.76 -19.54 15.32
CA GLY B 109 0.02 -20.79 15.05
C GLY B 109 0.76 -21.71 14.08
N LEU B 110 1.75 -21.20 13.33
CA LEU B 110 2.51 -21.99 12.32
C LEU B 110 3.90 -22.30 12.86
N VAL B 111 4.21 -21.89 14.09
CA VAL B 111 5.47 -22.29 14.78
C VAL B 111 5.45 -23.80 15.00
N ASP B 112 6.49 -24.47 14.55
CA ASP B 112 6.77 -25.91 14.82
C ASP B 112 7.98 -25.94 15.77
N PRO B 113 7.79 -26.04 17.10
CA PRO B 113 8.92 -25.99 18.03
C PRO B 113 9.95 -27.12 17.86
N ALA B 114 9.50 -28.34 17.56
CA ALA B 114 10.35 -29.55 17.44
C ALA B 114 11.21 -29.42 16.18
N LYS B 115 10.59 -29.01 15.05
CA LYS B 115 11.33 -28.80 13.79
C LYS B 115 12.25 -27.57 13.91
N LEU B 116 11.83 -26.50 14.61
CA LEU B 116 12.66 -25.28 14.79
C LEU B 116 13.97 -25.66 15.51
N MET B 117 13.93 -26.48 16.56
CA MET B 117 15.14 -26.74 17.36
C MET B 117 16.00 -27.85 16.73
N GLN B 118 15.57 -28.40 15.59
CA GLN B 118 16.45 -29.22 14.73
C GLN B 118 17.25 -28.34 13.78
N VAL B 119 16.83 -27.10 13.48
CA VAL B 119 17.46 -26.29 12.40
C VAL B 119 18.19 -25.09 13.01
N THR B 120 17.94 -24.73 14.27
CA THR B 120 18.71 -23.66 14.94
C THR B 120 18.87 -24.01 16.41
N THR B 121 19.52 -23.14 17.15
CA THR B 121 19.62 -23.26 18.62
C THR B 121 18.92 -22.06 19.20
N VAL B 122 18.63 -22.15 20.48
CA VAL B 122 18.07 -21.04 21.27
C VAL B 122 19.04 -19.86 21.21
N GLU B 123 20.33 -20.08 21.41
CA GLU B 123 21.31 -18.97 21.46
C GLU B 123 21.39 -18.25 20.11
N ARG B 124 21.30 -18.98 19.01
CA ARG B 124 21.52 -18.37 17.68
C ARG B 124 20.24 -17.64 17.30
N PHE B 125 19.11 -18.16 17.73
CA PHE B 125 17.78 -17.55 17.47
C PHE B 125 17.76 -16.19 18.15
N ILE B 126 18.21 -16.16 19.40
CA ILE B 126 18.21 -14.89 20.18
C ILE B 126 19.21 -13.90 19.56
N ARG B 127 20.35 -14.38 19.07
CA ARG B 127 21.38 -13.50 18.44
C ARG B 127 20.79 -12.95 17.14
N TYR B 128 20.04 -13.77 16.41
CA TYR B 128 19.33 -13.37 15.17
C TYR B 128 18.30 -12.30 15.51
N HIS B 129 17.60 -12.48 16.63
CA HIS B 129 16.58 -11.51 17.12
C HIS B 129 17.24 -10.16 17.38
N VAL B 130 18.40 -10.16 18.00
CA VAL B 130 19.11 -8.89 18.32
C VAL B 130 19.59 -8.26 17.00
N ARG B 131 20.08 -9.08 16.07
CA ARG B 131 20.59 -8.56 14.77
C ARG B 131 19.43 -7.86 14.03
N GLU B 132 18.26 -8.48 14.00
CA GLU B 132 17.04 -7.88 13.40
C GLU B 132 16.63 -6.61 14.15
N PHE B 133 16.71 -6.61 15.48
CA PHE B 133 16.35 -5.39 16.25
C PHE B 133 17.31 -4.25 15.87
N GLU B 134 18.61 -4.54 15.67
CA GLU B 134 19.58 -3.50 15.26
C GLU B 134 19.16 -2.94 13.91
N LYS B 135 18.76 -3.77 12.95
CA LYS B 135 18.26 -3.31 11.63
C LYS B 135 16.99 -2.47 11.83
N THR B 136 16.10 -2.89 12.71
CA THR B 136 14.83 -2.18 12.98
C THR B 136 15.09 -0.78 13.50
N VAL B 137 15.90 -0.63 14.54
CA VAL B 137 16.08 0.71 15.16
C VAL B 137 16.97 1.57 14.27
N ASN B 138 17.90 1.00 13.48
CA ASN B 138 18.92 1.82 12.76
C ASN B 138 18.52 2.05 11.31
N ILE B 139 17.70 1.20 10.70
CA ILE B 139 17.34 1.31 9.26
C ILE B 139 15.82 1.44 9.13
N LYS B 140 15.04 0.45 9.59
CA LYS B 140 13.59 0.39 9.28
C LYS B 140 12.82 1.56 9.88
N LEU B 141 13.00 1.85 11.16
CA LEU B 141 12.23 2.94 11.81
C LEU B 141 12.68 4.29 11.25
N PRO B 142 13.98 4.60 11.08
CA PRO B 142 14.35 5.88 10.43
C PRO B 142 13.82 6.03 9.00
N ALA B 143 13.79 4.95 8.22
CA ALA B 143 13.18 5.00 6.87
C ALA B 143 11.69 5.37 6.95
N CYS B 144 10.98 4.88 7.98
CA CYS B 144 9.54 5.16 8.17
C CYS B 144 9.35 6.65 8.52
N CYS B 145 10.34 7.25 9.18
CA CYS B 145 10.36 8.69 9.53
C CYS B 145 10.35 9.53 8.26
N ILE B 146 11.14 9.14 7.27
CA ILE B 146 11.26 9.87 5.99
C ILE B 146 9.97 9.68 5.19
N ALA B 147 9.47 8.45 5.08
CA ALA B 147 8.28 8.11 4.28
C ALA B 147 7.03 8.87 4.78
N ALA B 148 6.96 9.10 6.09
CA ALA B 148 5.75 9.68 6.74
C ALA B 148 5.95 11.18 7.04
N LYS B 149 7.19 11.69 6.99
CA LYS B 149 7.59 13.06 7.41
C LYS B 149 7.10 13.28 8.84
N ARG B 150 7.40 12.32 9.72
CA ARG B 150 6.90 12.29 11.11
C ARG B 150 7.84 11.40 11.90
N HIS B 151 8.22 11.81 13.10
CA HIS B 151 9.15 11.00 13.91
C HIS B 151 8.49 9.68 14.31
N ILE B 152 9.13 8.55 13.97
CA ILE B 152 8.63 7.15 14.20
C ILE B 152 9.74 6.37 14.91
N ASP B 153 9.45 5.70 16.03
CA ASP B 153 10.47 4.83 16.66
C ASP B 153 9.78 3.66 17.37
N SER B 154 8.59 3.28 16.92
CA SER B 154 7.90 2.10 17.47
C SER B 154 7.06 1.44 16.38
N SER B 155 6.70 0.19 16.64
CA SER B 155 6.01 -0.70 15.69
C SER B 155 4.58 -1.03 16.14
N THR B 156 3.75 -1.39 15.18
CA THR B 156 2.45 -2.05 15.44
C THR B 156 2.69 -3.52 15.18
N THR B 157 2.35 -4.37 16.13
CA THR B 157 2.67 -5.81 16.03
C THR B 157 1.36 -6.59 15.96
N ILE B 158 1.31 -7.58 15.08
CA ILE B 158 0.18 -8.53 15.01
C ILE B 158 0.77 -9.91 15.31
N LEU B 159 0.24 -10.57 16.33
CA LEU B 159 0.55 -11.99 16.63
C LEU B 159 -0.71 -12.78 16.26
N ASP B 160 -0.57 -13.64 15.26
CA ASP B 160 -1.58 -14.63 14.82
C ASP B 160 -1.36 -15.90 15.65
N VAL B 161 -2.28 -16.23 16.56
CA VAL B 161 -2.14 -17.38 17.49
C VAL B 161 -3.21 -18.42 17.20
N GLN B 162 -3.62 -18.53 15.94
CA GLN B 162 -4.59 -19.56 15.46
C GLN B 162 -4.16 -20.94 15.98
N GLY B 163 -5.07 -21.62 16.68
CA GLY B 163 -4.81 -23.01 17.10
C GLY B 163 -3.89 -23.14 18.31
N VAL B 164 -3.35 -22.05 18.84
CA VAL B 164 -2.42 -22.09 20.00
C VAL B 164 -3.27 -22.31 21.26
N GLY B 165 -2.99 -23.38 21.99
CA GLY B 165 -3.73 -23.76 23.21
C GLY B 165 -2.79 -23.97 24.36
N PHE B 166 -3.31 -23.86 25.59
CA PHE B 166 -2.53 -24.00 26.84
C PHE B 166 -2.00 -25.44 27.00
N LYS B 167 -2.71 -26.43 26.48
CA LYS B 167 -2.31 -27.87 26.63
C LYS B 167 -0.98 -28.12 25.91
N ASN B 168 -0.68 -27.36 24.85
CA ASN B 168 0.57 -27.55 24.06
C ASN B 168 1.52 -26.36 24.26
N PHE B 169 1.41 -25.66 25.37
CA PHE B 169 2.25 -24.47 25.67
C PHE B 169 3.26 -24.83 26.75
N SER B 170 4.51 -25.03 26.36
CA SER B 170 5.57 -25.65 27.20
C SER B 170 6.32 -24.59 28.02
N LYS B 171 7.04 -25.03 29.05
CA LYS B 171 7.91 -24.17 29.86
C LYS B 171 8.98 -23.57 28.94
N PRO B 172 9.70 -24.31 28.05
CA PRO B 172 10.66 -23.66 27.14
C PRO B 172 10.07 -22.54 26.27
N ALA B 173 8.85 -22.71 25.73
CA ALA B 173 8.16 -21.67 24.92
C ALA B 173 7.98 -20.41 25.76
N ARG B 174 7.40 -20.56 26.94
CA ARG B 174 7.16 -19.42 27.84
C ARG B 174 8.50 -18.76 28.18
N ASP B 175 9.51 -19.54 28.55
CA ASP B 175 10.82 -19.01 28.98
C ASP B 175 11.47 -18.27 27.82
N LEU B 176 11.34 -18.77 26.58
CA LEU B 176 11.94 -18.07 25.42
C LEU B 176 11.22 -16.74 25.25
N ILE B 177 9.90 -16.70 25.42
CA ILE B 177 9.15 -15.41 25.38
C ILE B 177 9.74 -14.46 26.43
N ILE B 178 9.94 -14.95 27.66
CA ILE B 178 10.35 -14.08 28.80
C ILE B 178 11.76 -13.51 28.56
N GLN B 179 12.67 -14.36 28.13
CA GLN B 179 14.06 -13.94 27.90
C GLN B 179 14.15 -12.97 26.72
N LEU B 180 13.30 -13.13 25.70
CA LEU B 180 13.31 -12.18 24.56
C LEU B 180 12.77 -10.84 25.07
N GLN B 181 11.74 -10.90 25.91
CA GLN B 181 11.09 -9.69 26.50
C GLN B 181 12.08 -8.95 27.40
N LYS B 182 12.90 -9.69 28.12
CA LYS B 182 13.89 -9.05 29.02
C LYS B 182 14.91 -8.29 28.17
N ILE B 183 15.40 -8.91 27.09
CA ILE B 183 16.40 -8.27 26.18
C ILE B 183 15.77 -7.03 25.58
N ASP B 184 14.54 -7.16 25.11
CA ASP B 184 13.85 -6.02 24.46
C ASP B 184 13.57 -4.92 25.49
N ASN B 185 13.09 -5.26 26.69
CA ASN B 185 12.77 -4.21 27.69
C ASN B 185 14.03 -3.50 28.19
N ASP B 186 15.11 -4.23 28.44
CA ASP B 186 16.37 -3.70 29.03
C ASP B 186 17.07 -2.78 28.03
N ASN B 187 17.05 -3.14 26.74
CA ASN B 187 17.98 -2.60 25.71
C ASN B 187 17.27 -1.91 24.55
N TYR B 188 16.02 -2.24 24.27
CA TYR B 188 15.23 -1.56 23.22
C TYR B 188 13.90 -1.12 23.78
N PRO B 189 13.86 -0.27 24.85
CA PRO B 189 12.59 0.08 25.46
C PRO B 189 11.75 1.00 24.56
N GLU B 190 10.44 0.94 24.77
CA GLU B 190 9.41 1.80 24.14
C GLU B 190 9.47 1.66 22.61
N THR B 191 9.76 0.46 22.09
CA THR B 191 9.81 0.22 20.63
C THR B 191 8.54 -0.49 20.19
N LEU B 192 7.67 -0.91 21.13
CA LEU B 192 6.32 -1.41 20.79
C LEU B 192 5.29 -0.30 21.00
N HIS B 193 4.52 0.03 19.96
CA HIS B 193 3.45 1.05 20.07
C HIS B 193 2.18 0.37 20.55
N ARG B 194 1.77 -0.68 19.86
CA ARG B 194 0.56 -1.44 20.16
C ARG B 194 0.72 -2.83 19.58
N MET B 195 -0.03 -3.78 20.10
CA MET B 195 0.00 -5.17 19.61
C MET B 195 -1.43 -5.65 19.54
N PHE B 196 -1.73 -6.39 18.49
CA PHE B 196 -3.03 -7.08 18.32
C PHE B 196 -2.75 -8.57 18.27
N ILE B 197 -3.29 -9.26 19.24
CA ILE B 197 -3.28 -10.75 19.26
C ILE B 197 -4.59 -11.23 18.69
N ILE B 198 -4.51 -11.92 17.55
CA ILE B 198 -5.73 -12.33 16.79
C ILE B 198 -5.81 -13.83 16.80
N ASN B 199 -7.02 -14.34 16.58
CA ASN B 199 -7.33 -15.77 16.39
C ASN B 199 -7.01 -16.55 17.68
N GLY B 200 -7.08 -15.93 18.85
CA GLY B 200 -6.99 -16.73 20.08
C GLY B 200 -8.32 -17.35 20.42
N GLY B 201 -8.40 -18.67 20.40
CA GLY B 201 -9.59 -19.42 20.82
C GLY B 201 -9.65 -19.54 22.33
N SER B 202 -10.55 -20.40 22.82
CA SER B 202 -10.75 -20.66 24.27
C SER B 202 -9.51 -21.32 24.88
N GLY B 203 -8.75 -22.09 24.09
CA GLY B 203 -7.47 -22.67 24.50
C GLY B 203 -6.40 -21.62 24.83
N PHE B 204 -6.49 -20.43 24.23
CA PHE B 204 -5.48 -19.35 24.38
C PHE B 204 -5.63 -18.60 25.71
N LYS B 205 -6.79 -18.67 26.37
CA LYS B 205 -7.07 -17.79 27.54
C LYS B 205 -6.01 -18.05 28.62
N LEU B 206 -5.65 -19.31 28.85
CA LEU B 206 -4.67 -19.64 29.91
C LEU B 206 -3.23 -19.37 29.42
N VAL B 207 -2.99 -19.35 28.11
CA VAL B 207 -1.66 -18.95 27.57
C VAL B 207 -1.47 -17.51 27.94
N TRP B 208 -2.49 -16.68 27.67
CA TRP B 208 -2.36 -15.23 27.84
C TRP B 208 -2.29 -14.95 29.35
N ALA B 209 -3.09 -15.66 30.13
CA ALA B 209 -3.11 -15.56 31.61
C ALA B 209 -1.71 -15.78 32.17
N THR B 210 -1.06 -16.87 31.79
CA THR B 210 0.25 -17.24 32.35
C THR B 210 1.35 -16.32 31.82
N VAL B 211 1.26 -15.86 30.56
CA VAL B 211 2.32 -14.98 30.01
C VAL B 211 2.22 -13.61 30.68
N LYS B 212 1.01 -13.12 30.90
CA LYS B 212 0.80 -11.78 31.53
C LYS B 212 1.49 -11.74 32.89
N GLN B 213 1.57 -12.86 33.62
CA GLN B 213 2.22 -12.86 34.95
C GLN B 213 3.65 -12.32 34.86
N PHE B 214 4.30 -12.43 33.69
CA PHE B 214 5.74 -12.09 33.51
C PHE B 214 5.96 -10.83 32.66
N LEU B 215 4.93 -10.30 31.99
CA LEU B 215 5.12 -9.12 31.10
C LEU B 215 5.18 -7.85 31.94
N ASP B 216 5.94 -6.90 31.43
CA ASP B 216 5.98 -5.51 31.95
C ASP B 216 4.54 -4.98 31.88
N PRO B 217 3.98 -4.39 32.96
CA PRO B 217 2.57 -3.97 32.97
C PRO B 217 2.24 -2.88 31.94
N LYS B 218 3.22 -2.05 31.57
CA LYS B 218 3.08 -1.02 30.52
C LYS B 218 2.88 -1.73 29.17
N THR B 219 3.54 -2.88 28.97
CA THR B 219 3.47 -3.68 27.73
C THR B 219 2.06 -4.26 27.66
N VAL B 220 1.54 -4.76 28.78
CA VAL B 220 0.21 -5.43 28.81
C VAL B 220 -0.87 -4.45 28.34
N THR B 221 -0.78 -3.18 28.73
CA THR B 221 -1.78 -2.13 28.39
C THR B 221 -1.75 -1.87 26.87
N LYS B 222 -0.65 -2.20 26.20
CA LYS B 222 -0.47 -1.95 24.73
C LYS B 222 -0.97 -3.14 23.92
N ILE B 223 -1.35 -4.25 24.56
CA ILE B 223 -1.69 -5.51 23.87
C ILE B 223 -3.19 -5.67 23.89
N HIS B 224 -3.79 -5.90 22.73
CA HIS B 224 -5.25 -6.17 22.64
C HIS B 224 -5.46 -7.56 22.06
N VAL B 225 -6.21 -8.43 22.74
CA VAL B 225 -6.55 -9.82 22.32
C VAL B 225 -7.99 -9.83 21.78
N ILE B 226 -8.17 -9.92 20.46
CA ILE B 226 -9.47 -9.49 19.84
C ILE B 226 -10.21 -10.62 19.14
N GLY B 227 -9.67 -11.85 19.09
CA GLY B 227 -10.43 -13.03 18.57
C GLY B 227 -10.32 -13.21 17.06
N ASN B 228 -11.25 -13.98 16.47
CA ASN B 228 -11.21 -14.44 15.06
C ASN B 228 -11.93 -13.43 14.12
N LYS B 229 -12.62 -12.41 14.62
CA LYS B 229 -13.24 -11.38 13.74
C LYS B 229 -12.38 -10.11 13.79
N TYR B 230 -11.17 -10.18 13.27
CA TYR B 230 -10.11 -9.16 13.48
C TYR B 230 -10.01 -8.23 12.24
N GLN B 231 -10.55 -8.65 11.09
CA GLN B 231 -10.13 -8.13 9.77
C GLN B 231 -10.48 -6.64 9.65
N ASN B 232 -11.71 -6.27 9.99
CA ASN B 232 -12.18 -4.87 9.83
C ASN B 232 -11.46 -3.95 10.82
N LYS B 233 -11.04 -4.47 11.97
CA LYS B 233 -10.30 -3.68 12.96
C LYS B 233 -8.89 -3.40 12.44
N LEU B 234 -8.20 -4.39 11.88
CA LEU B 234 -6.86 -4.22 11.24
C LEU B 234 -6.99 -3.24 10.07
N LEU B 235 -8.05 -3.37 9.26
CA LEU B 235 -8.25 -2.46 8.10
C LEU B 235 -8.55 -1.02 8.55
N GLU B 236 -9.08 -0.78 9.76
CA GLU B 236 -9.25 0.59 10.31
C GLU B 236 -7.90 1.26 10.54
N ILE B 237 -6.87 0.50 10.94
CA ILE B 237 -5.58 1.09 11.38
C ILE B 237 -4.49 0.84 10.33
N ILE B 238 -4.67 -0.14 9.45
CA ILE B 238 -3.68 -0.48 8.39
C ILE B 238 -4.39 -0.48 7.04
N ASP B 239 -3.88 0.24 6.07
CA ASP B 239 -4.48 0.25 4.70
C ASP B 239 -4.40 -1.15 4.09
N ALA B 240 -5.43 -1.56 3.34
CA ALA B 240 -5.53 -2.89 2.70
C ALA B 240 -4.25 -3.21 1.88
N SER B 241 -3.65 -2.22 1.23
CA SER B 241 -2.43 -2.37 0.39
C SER B 241 -1.24 -2.79 1.26
N GLN B 242 -1.24 -2.44 2.55
CA GLN B 242 -0.13 -2.78 3.48
C GLN B 242 -0.44 -4.06 4.25
N LEU B 243 -1.64 -4.58 4.13
CA LEU B 243 -2.08 -5.76 4.93
C LEU B 243 -2.10 -6.99 4.04
N PRO B 244 -1.43 -8.09 4.45
CA PRO B 244 -1.52 -9.35 3.71
C PRO B 244 -2.96 -9.82 3.51
N ASP B 245 -3.25 -10.42 2.35
CA ASP B 245 -4.62 -10.91 2.05
C ASP B 245 -5.08 -11.94 3.10
N PHE B 246 -4.20 -12.79 3.62
CA PHE B 246 -4.56 -13.79 4.67
C PHE B 246 -5.03 -13.08 5.96
N LEU B 247 -4.61 -11.84 6.21
CA LEU B 247 -5.15 -11.04 7.33
C LEU B 247 -6.32 -10.14 6.92
N GLY B 248 -6.81 -10.21 5.68
CA GLY B 248 -7.96 -9.39 5.23
C GLY B 248 -7.59 -8.19 4.36
N GLY B 249 -6.33 -8.03 3.97
CA GLY B 249 -5.92 -6.92 3.08
C GLY B 249 -5.89 -7.36 1.61
N THR B 250 -5.15 -6.64 0.79
CA THR B 250 -5.04 -6.96 -0.66
C THR B 250 -3.63 -7.43 -1.02
N CYS B 251 -2.65 -7.34 -0.13
CA CYS B 251 -1.24 -7.60 -0.52
C CYS B 251 -0.96 -9.11 -0.68
N THR B 252 -0.19 -9.49 -1.69
CA THR B 252 0.23 -10.89 -1.91
C THR B 252 1.76 -11.00 -1.94
N CYS B 253 2.48 -9.91 -2.22
CA CYS B 253 3.95 -9.91 -2.43
C CYS B 253 4.33 -11.09 -3.33
N ALA B 254 3.62 -11.19 -4.46
CA ALA B 254 3.61 -12.38 -5.35
C ALA B 254 5.03 -12.66 -5.85
N ASP B 255 5.80 -11.62 -6.15
CA ASP B 255 7.09 -11.78 -6.86
C ASP B 255 8.26 -11.70 -5.87
N ARG B 256 7.99 -11.66 -4.57
CA ARG B 256 9.06 -11.54 -3.53
C ARG B 256 8.87 -12.59 -2.43
N GLY B 257 8.24 -13.71 -2.75
CA GLY B 257 8.16 -14.91 -1.89
C GLY B 257 7.04 -14.87 -0.89
N GLY B 258 6.03 -14.01 -1.10
CA GLY B 258 4.88 -13.91 -0.18
C GLY B 258 5.12 -12.89 0.92
N CYS B 259 4.05 -12.41 1.55
CA CYS B 259 4.10 -11.24 2.48
C CYS B 259 4.97 -11.56 3.70
N MET B 260 5.08 -12.81 4.12
CA MET B 260 5.90 -13.13 5.31
C MET B 260 7.40 -13.18 4.96
N ARG B 261 7.79 -13.14 3.68
CA ARG B 261 9.25 -13.14 3.32
C ARG B 261 9.69 -11.88 2.56
N SER B 262 8.81 -10.96 2.25
CA SER B 262 9.18 -9.79 1.40
C SER B 262 9.97 -8.73 2.18
N ASP B 263 9.77 -8.61 3.48
CA ASP B 263 10.28 -7.46 4.27
C ASP B 263 9.82 -6.14 3.64
N LYS B 264 8.59 -6.11 3.11
CA LYS B 264 8.06 -4.93 2.38
C LYS B 264 8.04 -3.72 3.32
N GLY B 265 8.48 -2.58 2.83
CA GLY B 265 8.58 -1.38 3.64
C GLY B 265 9.40 -0.31 2.96
N PRO B 266 9.32 0.94 3.45
CA PRO B 266 10.03 2.05 2.81
C PRO B 266 11.56 1.98 2.90
N TRP B 267 12.09 1.17 3.82
CA TRP B 267 13.55 0.93 3.94
C TRP B 267 14.10 0.13 2.73
N ASN B 268 13.26 -0.38 1.84
CA ASN B 268 13.67 -1.05 0.57
C ASN B 268 13.91 -0.01 -0.54
N ASP B 269 13.44 1.21 -0.35
CA ASP B 269 13.49 2.18 -1.46
C ASP B 269 14.86 2.85 -1.47
N PRO B 270 15.61 2.87 -2.61
CA PRO B 270 16.95 3.47 -2.64
C PRO B 270 16.97 4.98 -2.41
N GLU B 271 15.90 5.68 -2.77
CA GLU B 271 15.80 7.14 -2.55
C GLU B 271 15.58 7.38 -1.05
N ILE B 272 14.82 6.53 -0.38
CA ILE B 272 14.65 6.66 1.10
C ILE B 272 15.97 6.28 1.76
N LEU B 273 16.63 5.19 1.33
CA LEU B 273 17.94 4.75 1.85
C LEU B 273 19.03 5.80 1.56
N LYS B 274 18.99 6.51 0.42
CA LYS B 274 19.99 7.59 0.15
C LYS B 274 19.71 8.80 1.06
N MET B 275 18.44 9.21 1.18
CA MET B 275 18.00 10.41 1.94
C MET B 275 18.32 10.15 3.42
N LEU B 276 18.31 8.88 3.84
CA LEU B 276 18.83 8.43 5.16
C LEU B 276 20.32 8.76 5.24
N GLN B 277 21.08 8.38 4.23
CA GLN B 277 22.57 8.47 4.21
C GLN B 277 23.07 9.92 4.04
N SER B 278 22.34 10.77 3.31
CA SER B 278 22.69 12.18 3.00
C SER B 278 21.71 13.14 3.67
C01 D21 C . -6.21 19.44 2.02
C02 D21 C . -6.92 18.26 1.39
C03 D21 C . -6.44 17.92 -0.02
C04 D21 C . -7.16 16.78 -0.72
C05 D21 C . -7.03 16.83 -2.22
C06 D21 C . -5.63 16.64 -2.73
C07 D21 C . -5.54 16.39 -4.21
C08 D21 C . -4.35 15.56 -4.64
C09 D21 C . -4.58 14.77 -5.91
C10 D21 C . -3.78 13.49 -5.99
C11 D21 C . -3.86 12.78 -7.34
C12 D21 C . -4.96 11.79 -7.43
C13 D21 C . -5.01 11.00 -8.71
C14 D21 C . -3.99 9.91 -8.83
C15 D21 C . -3.64 9.61 -10.25
C16 D21 C . -4.67 8.78 -10.96
O17 D21 C . -5.59 8.22 -10.42
O18 D21 C . -4.40 8.69 -12.26
C19 D21 C . -5.52 8.55 -13.17
C20 D21 C . -5.53 7.16 -13.77
C21 D21 C . -6.82 6.93 -14.54
O22 D21 C . -7.04 5.56 -14.98
P23 D21 C . -7.48 5.22 -16.52
O24 D21 C . -6.40 5.81 -17.40
O25 D21 C . -7.51 3.71 -16.59
O26 D21 C . -8.87 5.83 -16.74
O30 D21 C . -5.28 6.21 -12.69
C31 D21 C . -4.49 5.12 -12.91
O32 D21 C . -4.67 4.46 -13.90
C33 D21 C . -3.39 4.67 -11.93
C34 D21 C . -2.82 5.73 -10.94
C35 D21 C . -1.68 5.19 -10.06
C36 D21 C . -0.44 6.02 -10.03
C37 D21 C . -0.48 7.23 -9.15
C38 D21 C . 0.80 8.04 -9.14
C39 D21 C . 0.62 9.39 -8.55
C40 D21 C . 1.86 10.15 -8.25
C41 D21 C . 1.95 11.38 -7.80
C42 D21 C . 0.86 12.30 -7.37
C43 D21 C . 1.37 13.62 -6.92
C44 D21 C . 0.48 14.37 -5.95
C45 D21 C . -0.55 15.25 -6.60
C46 D21 C . -0.34 16.73 -6.37
C47 D21 C . -0.44 17.18 -4.93
C48 D21 C . -0.77 18.65 -4.76
C49 D21 C . 0.01 19.63 -5.63
NI NI D . -6.95 19.64 -28.00
NI NI E . -14.17 -10.65 -27.77
CL CL F . -13.93 15.51 -30.65
C01 D21 G . 14.20 -26.60 23.30
C02 D21 G . 13.71 -25.17 23.36
C03 D21 G . 12.42 -24.91 22.61
C04 D21 G . 11.94 -23.47 22.65
C05 D21 G . 11.34 -22.97 21.35
C06 D21 G . 9.98 -22.36 21.50
C07 D21 G . 9.60 -21.41 20.41
C08 D21 G . 8.29 -20.70 20.69
C09 D21 G . 8.01 -19.53 19.78
C10 D21 G . 8.57 -18.22 20.26
C11 D21 G . 7.49 -17.20 20.54
C12 D21 G . 7.95 -15.80 20.83
C13 D21 G . 6.84 -14.78 20.76
C14 D21 G . 7.29 -13.36 20.99
C15 D21 G . 6.41 -12.33 20.34
C16 D21 G . 7.10 -10.99 20.26
O17 D21 G . 8.03 -10.68 20.95
O18 D21 G . 6.60 -10.20 19.32
C19 D21 G . 7.42 -9.06 18.92
C20 D21 G . 7.00 -7.82 19.70
C21 D21 G . 7.13 -6.53 18.93
O22 D21 G . 8.51 -6.09 18.63
P23 D21 G . 8.70 -4.67 17.84
O24 D21 G . 7.97 -4.89 16.54
O25 D21 G . 8.05 -3.61 18.72
O26 D21 G . 10.19 -4.44 17.63
O30 D21 G . 7.76 -7.74 20.94
C31 D21 G . 7.13 -7.34 22.07
O32 D21 G . 7.31 -6.24 22.56
C33 D21 G . 6.23 -8.45 22.62
C34 D21 G . 5.39 -8.10 23.85
C35 D21 G . 4.93 -9.34 24.63
C36 D21 G . 3.98 -10.23 23.90
C37 D21 G . 3.92 -11.61 24.42
C38 D21 G . 2.65 -12.36 24.04
C39 D21 G . 2.87 -13.80 23.88
C40 D21 G . 1.64 -14.64 23.95
C41 D21 G . 1.59 -15.91 23.56
C42 D21 G . 2.46 -16.52 22.52
C43 D21 G . 2.40 -18.01 22.43
C44 D21 G . 3.35 -18.63 21.45
C45 D21 G . 3.14 -20.11 21.24
C46 D21 G . 4.08 -20.75 20.26
C47 D21 G . 4.23 -22.25 20.40
C48 D21 G . 2.97 -23.05 20.32
C49 D21 G . 3.21 -24.55 20.22
NI NI H . 2.69 -8.32 0.89
NI NI I . 13.24 14.95 17.83
CL CL J . 9.11 -2.64 -0.51
#